data_2PHC
#
_entry.id   2PHC
#
_cell.length_a   105.848
_cell.length_b   105.848
_cell.length_c   51.869
_cell.angle_alpha   90.00
_cell.angle_beta   90.00
_cell.angle_gamma   120.00
#
_symmetry.space_group_name_H-M   'P 61'
#
loop_
_entity.id
_entity.type
_entity.pdbx_description
1 polymer 'Uncharacterized protein PH0987'
2 water water
#
_entity_poly.entity_id   1
_entity_poly.type   'polypeptide(L)'
_entity_poly.pdbx_seq_one_letter_code
;MIIKPAGDSAFLISFGDEISEEINDRVHSLAKAIEKESPEWLVELVPAYSSLLVIYDPLKASYEEVESYLKRISAREVER
IKGKTIEIPVAYGGEFGPDIEFVAQYNGLSVDDVIEIHSKPLYRVYFLGFLPGFAYLGGMDERIATPRLEKPRLKVPAGS
VGIAGKQTGWYAIESPGGWRIIGRIPLRTFNPGKVPPSIVLPGDYVKFVPIDEKEFWEIYGREWE
;
_entity_poly.pdbx_strand_id   B
#
# COMPACT_ATOMS: atom_id res chain seq x y z
N ILE A 2 -1.79 -7.17 -16.38
CA ILE A 2 -1.74 -6.66 -17.81
C ILE A 2 -0.87 -7.29 -18.95
N ILE A 3 -1.41 -8.04 -19.91
CA ILE A 3 -1.08 -9.44 -20.11
C ILE A 3 -0.81 -9.47 -21.64
N LYS A 4 0.45 -9.70 -22.05
CA LYS A 4 0.87 -9.51 -23.47
C LYS A 4 1.75 -10.63 -23.93
N PRO A 5 1.77 -10.89 -25.24
CA PRO A 5 2.56 -12.04 -25.66
C PRO A 5 4.03 -11.64 -25.71
N ALA A 6 4.90 -12.63 -25.55
CA ALA A 6 6.23 -12.31 -25.14
C ALA A 6 7.23 -13.13 -25.95
N GLY A 7 6.78 -13.60 -27.10
CA GLY A 7 7.58 -14.33 -28.05
C GLY A 7 7.19 -15.76 -27.96
N ASP A 8 8.22 -16.59 -28.00
CA ASP A 8 7.99 -17.99 -28.30
C ASP A 8 7.38 -18.72 -27.09
N SER A 9 6.10 -19.02 -27.26
CA SER A 9 5.41 -19.81 -26.27
C SER A 9 5.49 -19.15 -24.86
N ALA A 10 5.26 -17.85 -24.80
CA ALA A 10 5.45 -17.08 -23.57
C ALA A 10 4.56 -15.89 -23.43
N PHE A 11 4.20 -15.58 -22.20
CA PHE A 11 3.47 -14.32 -21.91
C PHE A 11 4.15 -13.51 -20.82
N LEU A 12 3.99 -12.21 -20.85
CA LEU A 12 4.52 -11.39 -19.81
C LEU A 12 3.35 -10.64 -19.18
N ILE A 13 3.18 -10.93 -17.92
CA ILE A 13 2.51 -10.11 -17.01
C ILE A 13 3.42 -9.11 -16.44
N SER A 14 2.92 -7.97 -16.54
CA SER A 14 3.55 -6.65 -16.70
C SER A 14 2.86 -5.58 -15.84
N PHE A 15 3.26 -4.77 -14.66
CA PHE A 15 2.39 -4.10 -13.66
C PHE A 15 2.24 -2.53 -13.65
N GLY A 16 3.09 -1.75 -14.37
CA GLY A 16 4.34 -2.09 -15.05
C GLY A 16 5.30 -0.89 -14.96
N ASP A 17 6.58 -0.98 -15.23
CA ASP A 17 7.43 0.24 -15.10
C ASP A 17 8.00 1.27 -14.08
N GLU A 18 7.75 0.99 -12.82
CA GLU A 18 7.48 1.29 -11.40
C GLU A 18 8.33 0.36 -10.56
N ILE A 19 9.49 0.82 -10.09
CA ILE A 19 10.22 0.07 -9.08
C ILE A 19 9.51 0.39 -7.73
N SER A 20 9.13 -0.65 -6.98
CA SER A 20 8.15 -0.52 -5.94
C SER A 20 7.95 -1.85 -5.17
N GLU A 21 7.86 -1.76 -3.86
CA GLU A 21 7.81 -2.91 -2.99
C GLU A 21 6.45 -3.58 -3.12
N GLU A 22 5.42 -2.78 -3.35
CA GLU A 22 4.14 -3.28 -3.66
C GLU A 22 3.91 -4.02 -5.00
N ILE A 23 4.28 -3.48 -6.17
CA ILE A 23 4.84 -4.18 -7.32
C ILE A 23 5.74 -5.40 -7.36
N ASN A 24 6.74 -5.41 -6.49
CA ASN A 24 7.54 -6.55 -6.23
C ASN A 24 6.69 -7.65 -5.62
N ASP A 25 5.81 -7.33 -4.67
CA ASP A 25 5.00 -8.35 -4.01
C ASP A 25 3.80 -8.87 -4.82
N ARG A 26 3.21 -8.00 -5.62
CA ARG A 26 2.24 -8.45 -6.64
C ARG A 26 2.83 -9.55 -7.57
N VAL A 27 4.01 -9.28 -8.15
CA VAL A 27 4.77 -10.20 -8.98
C VAL A 27 4.91 -11.48 -8.25
N HIS A 28 5.50 -11.41 -7.07
CA HIS A 28 5.77 -12.60 -6.26
C HIS A 28 4.44 -13.35 -5.86
N SER A 29 3.42 -12.64 -5.45
CA SER A 29 2.13 -13.22 -5.07
C SER A 29 1.44 -13.89 -6.24
N LEU A 30 1.54 -13.31 -7.42
CA LEU A 30 1.01 -13.84 -8.60
C LEU A 30 1.74 -15.10 -8.99
N ALA A 31 3.06 -15.13 -8.87
CA ALA A 31 3.80 -16.30 -9.20
C ALA A 31 3.46 -17.41 -8.29
N LYS A 32 3.43 -17.11 -7.02
CA LYS A 32 2.81 -17.96 -6.06
C LYS A 32 1.38 -18.47 -6.35
N ALA A 33 0.54 -17.69 -7.04
CA ALA A 33 -0.91 -17.99 -7.15
C ALA A 33 -0.85 -19.03 -8.26
N ILE A 34 -0.04 -18.76 -9.26
CA ILE A 34 0.12 -19.70 -10.31
C ILE A 34 0.71 -21.01 -9.88
N GLU A 35 1.72 -20.98 -9.03
CA GLU A 35 2.35 -22.19 -8.47
C GLU A 35 1.36 -23.01 -7.58
N LYS A 36 0.37 -22.33 -6.98
CA LYS A 36 -0.64 -23.01 -6.25
C LYS A 36 -1.50 -23.93 -7.16
N GLU A 37 -1.87 -23.50 -8.34
CA GLU A 37 -2.44 -24.38 -9.31
C GLU A 37 -1.60 -25.45 -9.97
N SER A 38 -0.28 -25.32 -10.02
CA SER A 38 0.51 -25.99 -11.03
C SER A 38 -0.26 -26.45 -12.25
N PRO A 39 -0.54 -25.57 -13.15
CA PRO A 39 -1.11 -26.06 -14.38
C PRO A 39 -0.13 -26.92 -15.20
N GLU A 40 -0.69 -27.92 -15.84
CA GLU A 40 0.03 -29.02 -16.48
C GLU A 40 0.83 -28.51 -17.65
N TRP A 41 0.44 -27.37 -18.17
CA TRP A 41 1.11 -26.73 -19.27
C TRP A 41 2.29 -25.81 -18.92
N LEU A 42 2.61 -25.71 -17.62
CA LEU A 42 3.61 -24.71 -17.08
C LEU A 42 5.02 -25.12 -17.36
N VAL A 43 5.77 -24.25 -18.00
CA VAL A 43 7.18 -24.57 -18.07
C VAL A 43 8.09 -23.77 -17.03
N GLU A 44 8.04 -22.44 -17.08
CA GLU A 44 8.89 -21.63 -16.31
C GLU A 44 8.11 -20.35 -15.91
N LEU A 45 8.53 -19.77 -14.78
CA LEU A 45 8.05 -18.47 -14.31
C LEU A 45 9.31 -17.66 -13.95
N VAL A 46 9.45 -16.45 -14.47
CA VAL A 46 10.65 -15.65 -14.24
C VAL A 46 10.09 -14.34 -13.77
N PRO A 47 10.06 -14.12 -12.46
CA PRO A 47 9.64 -12.81 -11.95
C PRO A 47 10.67 -11.76 -12.34
N ALA A 48 10.29 -10.50 -12.60
CA ALA A 48 11.23 -9.37 -12.66
C ALA A 48 10.60 -8.36 -11.78
N TYR A 49 11.21 -7.16 -11.62
CA TYR A 49 10.72 -6.17 -10.64
C TYR A 49 9.32 -5.62 -10.84
N SER A 50 8.89 -5.47 -12.09
CA SER A 50 7.52 -5.08 -12.42
C SER A 50 6.91 -5.99 -13.48
N SER A 51 7.35 -7.25 -13.60
CA SER A 51 6.66 -8.17 -14.51
C SER A 51 6.89 -9.65 -14.21
N LEU A 52 6.07 -10.53 -14.74
CA LEU A 52 6.33 -11.93 -14.66
C LEU A 52 6.24 -12.61 -15.96
N LEU A 53 7.30 -13.29 -16.32
CA LEU A 53 7.36 -14.05 -17.52
C LEU A 53 6.86 -15.44 -17.34
N VAL A 54 5.96 -15.83 -18.20
CA VAL A 54 5.34 -17.10 -18.13
C VAL A 54 5.52 -17.84 -19.45
N ILE A 55 6.00 -19.04 -19.29
CA ILE A 55 6.30 -19.88 -20.42
C ILE A 55 5.69 -21.25 -20.29
N TYR A 56 5.15 -21.69 -21.41
CA TYR A 56 4.18 -22.75 -21.53
C TYR A 56 4.61 -23.76 -22.54
N ASP A 57 4.11 -24.97 -22.40
CA ASP A 57 4.43 -26.01 -23.36
C ASP A 57 3.34 -26.03 -24.43
N PRO A 58 3.64 -25.59 -25.66
CA PRO A 58 2.64 -25.36 -26.70
C PRO A 58 1.90 -26.63 -27.20
N LEU A 59 2.30 -27.80 -26.67
CA LEU A 59 1.70 -29.06 -27.05
C LEU A 59 0.62 -29.43 -26.06
N LYS A 60 0.64 -28.70 -24.94
CA LYS A 60 -0.16 -29.01 -23.74
C LYS A 60 -1.35 -28.04 -23.65
N ALA A 61 -1.11 -26.85 -24.09
CA ALA A 61 -2.02 -25.84 -23.82
C ALA A 61 -1.97 -25.14 -25.08
N SER A 62 -3.10 -24.65 -25.52
CA SER A 62 -3.08 -23.75 -26.62
C SER A 62 -2.73 -22.33 -26.25
N TYR A 63 -2.35 -21.54 -27.23
CA TYR A 63 -2.00 -20.19 -26.94
C TYR A 63 -3.11 -19.43 -26.25
N GLU A 64 -4.35 -19.79 -26.53
CA GLU A 64 -5.45 -18.88 -26.33
C GLU A 64 -5.95 -19.22 -24.99
N GLU A 65 -5.85 -20.49 -24.69
CA GLU A 65 -6.01 -21.06 -23.35
C GLU A 65 -5.09 -20.38 -22.36
N VAL A 66 -3.82 -20.22 -22.72
CA VAL A 66 -2.82 -19.79 -21.74
C VAL A 66 -3.06 -18.35 -21.46
N GLU A 67 -3.37 -17.61 -22.53
CA GLU A 67 -3.64 -16.25 -22.36
C GLU A 67 -4.84 -16.02 -21.41
N SER A 68 -5.93 -16.79 -21.64
CA SER A 68 -7.19 -16.65 -20.90
C SER A 68 -6.95 -16.94 -19.47
N TYR A 69 -6.27 -18.04 -19.20
CA TYR A 69 -6.02 -18.46 -17.85
C TYR A 69 -5.25 -17.40 -16.99
N LEU A 70 -4.39 -16.60 -17.64
CA LEU A 70 -3.45 -15.76 -16.92
C LEU A 70 -4.26 -14.54 -16.64
N LYS A 71 -5.21 -14.26 -17.54
CA LYS A 71 -6.10 -13.15 -17.34
C LYS A 71 -6.97 -13.44 -16.11
N ARG A 72 -7.26 -14.73 -15.85
CA ARG A 72 -8.24 -15.17 -14.85
C ARG A 72 -7.60 -15.28 -13.48
N ILE A 73 -6.44 -15.88 -13.46
CA ILE A 73 -5.63 -15.87 -12.26
C ILE A 73 -5.21 -14.43 -11.79
N SER A 74 -4.96 -13.46 -12.68
CA SER A 74 -4.70 -12.09 -12.29
C SER A 74 -5.88 -11.25 -11.73
N ALA A 75 -7.08 -11.55 -12.26
CA ALA A 75 -8.36 -11.08 -11.77
C ALA A 75 -8.66 -11.47 -10.36
N ARG A 76 -8.41 -12.72 -10.03
CA ARG A 76 -8.54 -13.32 -8.73
C ARG A 76 -7.50 -12.90 -7.67
N GLU A 77 -6.25 -12.65 -8.09
CA GLU A 77 -5.25 -11.96 -7.31
C GLU A 77 -5.67 -10.50 -6.93
N VAL A 78 -6.09 -9.70 -7.88
CA VAL A 78 -6.60 -8.38 -7.61
C VAL A 78 -7.82 -8.39 -6.72
N GLU A 79 -8.70 -9.38 -6.88
CA GLU A 79 -9.88 -9.48 -6.01
C GLU A 79 -9.50 -9.93 -4.59
N ARG A 80 -8.49 -10.78 -4.43
CA ARG A 80 -8.06 -11.19 -3.16
C ARG A 80 -7.45 -9.98 -2.39
N ILE A 81 -6.72 -9.17 -3.10
CA ILE A 81 -6.01 -8.05 -2.46
C ILE A 81 -7.04 -6.98 -2.15
N LYS A 82 -7.98 -6.75 -3.06
CA LYS A 82 -9.15 -5.88 -2.75
C LYS A 82 -9.89 -6.27 -1.50
N GLY A 83 -10.06 -7.55 -1.25
CA GLY A 83 -10.80 -8.01 -0.08
C GLY A 83 -10.10 -7.71 1.24
N LYS A 84 -8.80 -7.36 1.16
CA LYS A 84 -7.89 -7.28 2.28
C LYS A 84 -7.52 -5.80 2.50
N THR A 85 -8.10 -4.94 1.68
CA THR A 85 -7.78 -3.58 1.60
C THR A 85 -8.82 -2.71 2.30
N ILE A 86 -8.33 -1.90 3.25
CA ILE A 86 -9.23 -1.00 3.94
C ILE A 86 -8.88 0.41 3.46
N GLU A 87 -9.88 1.14 3.01
CA GLU A 87 -9.69 2.50 2.49
C GLU A 87 -9.83 3.51 3.61
N ILE A 88 -8.86 4.41 3.75
CA ILE A 88 -8.81 5.31 4.92
C ILE A 88 -8.74 6.78 4.49
N PRO A 89 -9.89 7.53 4.68
CA PRO A 89 -9.85 8.94 4.32
C PRO A 89 -8.97 9.74 5.31
N VAL A 90 -8.13 10.60 4.72
CA VAL A 90 -7.16 11.46 5.35
C VAL A 90 -7.40 12.79 4.72
N ALA A 91 -7.77 13.79 5.53
CA ALA A 91 -7.64 15.24 5.13
C ALA A 91 -6.18 15.70 5.32
N TYR A 92 -5.46 15.85 4.22
CA TYR A 92 -4.02 16.23 4.19
C TYR A 92 -3.85 17.76 4.21
N GLY A 93 -2.67 18.19 4.68
CA GLY A 93 -2.28 19.59 4.85
C GLY A 93 -3.09 20.50 5.76
N GLY A 94 -2.70 21.79 5.80
CA GLY A 94 -3.40 22.82 6.59
C GLY A 94 -3.29 22.54 8.07
N GLU A 95 -4.42 22.57 8.74
CA GLU A 95 -4.38 22.45 10.16
C GLU A 95 -4.23 21.00 10.63
N PHE A 96 -4.64 20.12 9.76
CA PHE A 96 -4.67 18.67 9.97
C PHE A 96 -3.30 18.04 9.86
N GLY A 97 -2.45 18.59 9.01
CA GLY A 97 -1.07 18.24 9.03
C GLY A 97 -0.25 19.48 8.98
N PRO A 98 0.27 19.96 10.13
CA PRO A 98 1.21 21.12 10.26
C PRO A 98 2.57 20.95 9.64
N ASP A 99 2.99 19.72 9.46
CA ASP A 99 4.35 19.44 9.19
C ASP A 99 4.54 19.10 7.70
N ILE A 100 3.50 19.20 6.91
CA ILE A 100 3.58 18.75 5.53
C ILE A 100 4.46 19.61 4.68
N GLU A 101 4.54 20.87 5.02
CA GLU A 101 5.37 21.77 4.25
C GLU A 101 6.81 21.46 4.45
N PHE A 102 7.20 21.12 5.68
CA PHE A 102 8.62 20.76 5.94
C PHE A 102 8.96 19.41 5.27
N VAL A 103 7.97 18.51 5.20
CA VAL A 103 8.20 17.16 4.58
C VAL A 103 8.54 17.34 3.11
N ALA A 104 7.69 18.13 2.43
CA ALA A 104 7.87 18.59 1.05
C ALA A 104 9.24 19.20 0.90
N GLN A 105 9.47 20.23 1.66
CA GLN A 105 10.69 20.99 1.48
C GLN A 105 11.90 20.21 1.78
N TYR A 106 11.91 19.40 2.86
CA TYR A 106 13.10 18.50 3.18
C TYR A 106 13.37 17.53 2.01
N ASN A 107 12.38 17.29 1.16
CA ASN A 107 12.56 16.28 0.09
C ASN A 107 12.51 16.85 -1.29
N GLY A 108 12.09 18.11 -1.41
CA GLY A 108 12.37 18.90 -2.62
C GLY A 108 11.19 18.69 -3.49
N LEU A 109 10.00 18.77 -2.88
CA LEU A 109 8.77 18.51 -3.59
C LEU A 109 7.75 19.56 -3.20
N SER A 110 6.69 19.66 -3.97
CA SER A 110 5.52 20.37 -3.53
C SER A 110 4.72 19.60 -2.55
N VAL A 111 3.86 20.31 -1.86
CA VAL A 111 2.93 19.70 -0.96
C VAL A 111 2.00 18.71 -1.69
N ASP A 112 1.40 19.14 -2.83
CA ASP A 112 0.55 18.24 -3.64
C ASP A 112 1.25 16.88 -3.99
N ASP A 113 2.58 16.93 -4.25
CA ASP A 113 3.44 15.78 -4.51
C ASP A 113 3.57 14.87 -3.28
N VAL A 114 3.86 15.41 -2.11
CA VAL A 114 3.77 14.66 -0.85
C VAL A 114 2.44 13.90 -0.78
N ILE A 115 1.34 14.60 -1.02
CA ILE A 115 0.00 13.98 -0.95
C ILE A 115 -0.24 12.76 -1.90
N GLU A 116 0.31 12.83 -3.13
CA GLU A 116 0.17 11.82 -4.18
C GLU A 116 1.07 10.65 -3.87
N ILE A 117 2.30 10.96 -3.43
CA ILE A 117 3.31 10.00 -3.10
C ILE A 117 2.96 9.23 -1.86
N HIS A 118 2.56 9.94 -0.81
CA HIS A 118 1.90 9.34 0.31
C HIS A 118 0.64 8.46 0.10
N SER A 119 -0.31 8.94 -0.67
CA SER A 119 -1.54 8.21 -0.81
C SER A 119 -1.55 7.17 -2.02
N LYS A 120 -0.48 7.13 -2.81
CA LYS A 120 -0.38 6.21 -3.92
C LYS A 120 -0.17 4.71 -3.48
N PRO A 121 0.78 4.39 -2.61
CA PRO A 121 0.93 2.95 -2.31
C PRO A 121 -0.19 2.23 -1.56
N LEU A 122 -0.18 0.92 -1.76
CA LEU A 122 -0.89 0.01 -0.96
C LEU A 122 -0.02 -0.39 0.21
N TYR A 123 -0.45 -0.03 1.40
CA TYR A 123 0.39 -0.18 2.58
C TYR A 123 0.04 -1.51 3.26
N ARG A 124 1.02 -2.15 3.89
CA ARG A 124 0.78 -3.24 4.79
C ARG A 124 0.80 -2.81 6.27
N VAL A 125 -0.26 -3.13 7.01
CA VAL A 125 -0.27 -3.02 8.46
C VAL A 125 0.55 -4.12 9.11
N TYR A 126 1.64 -3.75 9.73
CA TYR A 126 2.55 -4.79 10.22
C TYR A 126 2.50 -4.93 11.74
N PHE A 127 1.96 -3.94 12.46
CA PHE A 127 1.98 -4.03 13.93
C PHE A 127 0.93 -3.09 14.38
N LEU A 128 0.19 -3.43 15.45
CA LEU A 128 -0.66 -2.46 16.13
C LEU A 128 -0.30 -2.33 17.65
N GLY A 129 -0.36 -1.10 18.14
CA GLY A 129 -0.29 -0.90 19.58
C GLY A 129 -1.57 -0.25 20.04
N PHE A 130 -1.81 -0.58 21.27
CA PHE A 130 -2.89 -0.21 22.01
C PHE A 130 -2.35 0.46 23.22
N LEU A 131 -3.06 1.47 23.43
CA LEU A 131 -3.12 2.31 24.64
C LEU A 131 -1.80 3.13 24.87
N PRO A 132 -1.43 3.94 23.94
CA PRO A 132 -2.42 4.57 23.15
C PRO A 132 -2.32 3.79 21.90
N GLY A 133 -3.42 3.62 21.24
CA GLY A 133 -3.31 3.03 19.89
C GLY A 133 -2.40 3.75 18.86
N PHE A 134 -1.61 2.97 18.14
CA PHE A 134 -0.84 3.46 16.98
C PHE A 134 -0.88 2.31 15.93
N ALA A 135 -1.02 2.64 14.64
CA ALA A 135 -0.84 1.68 13.56
C ALA A 135 0.42 1.96 12.77
N TYR A 136 1.19 0.91 12.54
CA TYR A 136 2.52 1.05 12.03
C TYR A 136 2.41 0.39 10.73
N LEU A 137 2.97 1.02 9.69
CA LEU A 137 2.69 0.61 8.28
C LEU A 137 4.00 0.48 7.56
N GLY A 138 4.00 -0.33 6.48
CA GLY A 138 5.17 -0.63 5.76
C GLY A 138 4.78 -0.28 4.35
N GLY A 139 5.76 0.06 3.53
CA GLY A 139 5.43 0.23 2.12
C GLY A 139 5.59 1.68 1.64
N MET A 140 5.93 2.64 2.51
CA MET A 140 6.02 4.05 2.13
C MET A 140 7.05 4.30 1.05
N ASP A 141 6.69 5.08 0.06
CA ASP A 141 7.77 5.58 -0.91
C ASP A 141 8.90 6.42 -0.23
N GLU A 142 10.18 6.07 -0.40
CA GLU A 142 11.31 6.79 0.23
C GLU A 142 11.52 8.31 -0.10
N ARG A 143 10.88 8.79 -1.16
CA ARG A 143 11.00 10.17 -1.56
C ARG A 143 10.37 11.11 -0.58
N ILE A 144 9.49 10.56 0.27
CA ILE A 144 8.91 11.36 1.38
C ILE A 144 9.46 11.06 2.79
N ALA A 145 10.54 10.28 2.86
CA ALA A 145 11.25 9.96 4.09
C ALA A 145 11.63 11.26 4.87
N THR A 146 11.36 11.34 6.18
CA THR A 146 11.61 12.59 6.94
C THR A 146 11.80 12.27 8.38
N PRO A 147 12.95 12.73 8.96
CA PRO A 147 13.23 12.46 10.39
C PRO A 147 12.21 13.12 11.28
N ARG A 148 12.03 12.64 12.52
CA ARG A 148 11.10 13.13 13.56
C ARG A 148 11.40 14.59 14.04
N LEU A 149 10.47 15.19 14.78
CA LEU A 149 10.71 16.47 15.37
C LEU A 149 11.84 16.29 16.38
N GLU A 150 12.59 17.37 16.61
CA GLU A 150 13.68 17.29 17.54
C GLU A 150 13.14 17.08 18.97
N LYS A 151 11.98 17.66 19.22
CA LYS A 151 11.29 17.43 20.45
C LYS A 151 9.85 17.13 20.09
N PRO A 152 9.31 16.06 20.66
CA PRO A 152 7.91 15.64 20.52
C PRO A 152 6.86 16.66 20.94
N ARG A 153 5.74 16.73 20.22
CA ARG A 153 4.55 17.39 20.65
C ARG A 153 3.90 16.65 21.81
N LEU A 154 3.13 17.36 22.65
CA LEU A 154 2.65 16.71 23.88
C LEU A 154 1.30 16.04 23.66
N LYS A 155 0.59 16.53 22.64
CA LYS A 155 -0.79 16.20 22.32
C LYS A 155 -0.91 16.23 20.80
N VAL A 156 -1.03 15.06 20.19
CA VAL A 156 -1.24 14.94 18.77
C VAL A 156 -2.68 14.50 18.63
N PRO A 157 -3.50 15.19 17.82
CA PRO A 157 -4.88 14.77 17.87
C PRO A 157 -5.07 13.37 17.26
N ALA A 158 -6.02 12.61 17.82
CA ALA A 158 -6.41 11.31 17.39
C ALA A 158 -6.55 11.29 15.86
N GLY A 159 -5.97 10.31 15.14
CA GLY A 159 -6.18 10.31 13.69
C GLY A 159 -5.05 10.90 12.90
N SER A 160 -4.08 11.56 13.59
CA SER A 160 -2.89 12.08 12.89
C SER A 160 -2.06 11.03 12.22
N VAL A 161 -1.72 11.32 10.95
CA VAL A 161 -0.98 10.51 10.03
C VAL A 161 0.41 11.14 10.04
N GLY A 162 1.43 10.40 10.44
CA GLY A 162 2.72 10.98 10.34
C GLY A 162 3.73 10.17 9.64
N ILE A 163 4.93 10.73 9.49
CA ILE A 163 6.11 10.08 8.88
C ILE A 163 7.22 10.18 9.92
N ALA A 164 8.08 9.16 9.95
CA ALA A 164 9.17 9.12 10.82
C ALA A 164 10.14 8.17 10.15
N GLY A 165 11.25 8.71 9.66
CA GLY A 165 12.06 8.06 8.59
C GLY A 165 11.27 7.53 7.39
N LYS A 166 11.55 6.25 7.11
CA LYS A 166 10.85 5.57 6.06
C LYS A 166 9.49 4.99 6.44
N GLN A 167 8.95 5.34 7.60
CA GLN A 167 7.66 4.78 8.13
C GLN A 167 6.60 5.79 8.16
N THR A 168 5.43 5.32 7.92
CA THR A 168 4.25 6.10 8.11
C THR A 168 3.28 5.30 9.00
N GLY A 169 2.30 5.97 9.55
CA GLY A 169 1.39 5.29 10.41
C GLY A 169 0.51 6.38 10.93
N TRP A 170 -0.32 6.06 11.92
CA TRP A 170 -1.11 7.11 12.53
C TRP A 170 -1.31 6.88 14.05
N TYR A 171 -1.41 8.01 14.77
CA TYR A 171 -1.93 8.10 16.13
C TYR A 171 -3.41 7.83 16.18
N ALA A 172 -3.81 6.72 16.82
CA ALA A 172 -5.22 6.32 16.83
C ALA A 172 -6.01 7.18 17.82
N ILE A 173 -5.37 7.63 18.89
CA ILE A 173 -5.98 8.59 19.82
C ILE A 173 -4.97 9.68 20.20
N GLU A 174 -5.46 10.72 20.90
CA GLU A 174 -4.61 11.87 21.26
C GLU A 174 -3.52 11.35 22.18
N SER A 175 -2.27 11.73 21.91
CA SER A 175 -1.13 11.16 22.60
C SER A 175 0.15 11.96 22.24
N PRO A 176 1.23 11.79 23.03
CA PRO A 176 2.47 12.51 22.57
C PRO A 176 3.17 11.83 21.37
N GLY A 177 3.97 12.60 20.61
CA GLY A 177 4.73 12.01 19.52
C GLY A 177 5.52 13.03 18.78
N GLY A 178 6.68 12.63 18.26
CA GLY A 178 7.39 13.56 17.46
C GLY A 178 7.45 13.28 15.97
N TRP A 179 6.45 12.57 15.40
CA TRP A 179 6.37 12.15 13.97
C TRP A 179 5.94 13.39 13.19
N ARG A 180 6.32 13.51 11.91
CA ARG A 180 5.90 14.65 11.08
C ARG A 180 4.51 14.43 10.69
N ILE A 181 3.59 15.25 11.20
CA ILE A 181 2.17 15.09 10.92
C ILE A 181 1.69 15.80 9.64
N ILE A 182 1.12 15.04 8.70
CA ILE A 182 0.79 15.45 7.31
C ILE A 182 -0.72 15.43 7.01
N GLY A 183 -1.54 14.98 7.95
CA GLY A 183 -2.91 14.74 7.59
C GLY A 183 -3.60 14.19 8.79
N ARG A 184 -4.93 14.12 8.79
CA ARG A 184 -5.64 13.52 9.88
C ARG A 184 -6.77 12.72 9.29
N ILE A 185 -7.07 11.59 9.94
CA ILE A 185 -8.14 10.70 9.66
C ILE A 185 -9.36 11.03 10.54
N PRO A 186 -10.57 11.14 9.96
CA PRO A 186 -11.79 11.45 10.75
C PRO A 186 -12.51 10.26 11.39
N LEU A 187 -12.35 9.06 10.82
CA LEU A 187 -12.80 7.81 11.41
C LEU A 187 -12.19 7.55 12.78
N ARG A 188 -12.98 6.92 13.67
CA ARG A 188 -12.44 6.46 14.95
C ARG A 188 -11.87 5.09 14.64
N THR A 189 -10.55 5.08 14.36
CA THR A 189 -9.86 3.85 13.90
C THR A 189 -9.67 2.76 14.97
N PHE A 190 -9.57 3.16 16.23
CA PHE A 190 -9.52 2.24 17.36
C PHE A 190 -10.67 2.58 18.33
N ASN A 191 -11.42 1.59 18.73
CA ASN A 191 -12.61 1.92 19.49
C ASN A 191 -12.83 0.79 20.37
N PRO A 192 -12.43 0.89 21.67
CA PRO A 192 -12.63 -0.31 22.54
C PRO A 192 -14.18 -0.49 22.60
N GLY A 193 -14.74 -1.64 22.87
CA GLY A 193 -16.23 -1.58 22.66
C GLY A 193 -16.81 -1.45 21.23
N LYS A 194 -15.93 -1.69 20.22
CA LYS A 194 -16.28 -2.21 18.88
C LYS A 194 -15.62 -3.56 18.78
N VAL A 195 -16.26 -4.54 18.16
CA VAL A 195 -15.54 -5.79 17.79
C VAL A 195 -15.36 -5.95 16.28
N PRO A 196 -14.11 -5.99 15.80
CA PRO A 196 -12.87 -5.79 16.54
C PRO A 196 -12.63 -4.33 16.87
N PRO A 197 -11.76 -4.08 17.80
CA PRO A 197 -11.49 -2.74 18.30
C PRO A 197 -10.60 -1.85 17.47
N SER A 198 -9.90 -2.34 16.43
CA SER A 198 -9.25 -1.44 15.42
C SER A 198 -9.88 -1.79 14.06
N ILE A 199 -10.02 -0.84 13.15
CA ILE A 199 -10.57 -1.15 11.81
C ILE A 199 -9.58 -1.90 10.93
N VAL A 200 -8.36 -2.26 11.04
CA VAL A 200 -7.29 -2.84 10.25
C VAL A 200 -6.70 -3.77 11.23
N LEU A 201 -6.23 -4.73 10.93
CA LEU A 201 -5.49 -5.71 11.70
C LEU A 201 -4.19 -6.05 10.98
N PRO A 202 -3.13 -6.45 11.73
CA PRO A 202 -1.92 -6.85 11.02
C PRO A 202 -2.18 -7.80 9.79
N GLY A 203 -1.61 -7.46 8.63
CA GLY A 203 -1.71 -8.37 7.49
C GLY A 203 -2.73 -7.85 6.53
N ASP A 204 -3.63 -6.98 7.01
CA ASP A 204 -4.41 -6.09 6.14
C ASP A 204 -3.60 -5.02 5.34
N TYR A 205 -4.22 -4.48 4.29
CA TYR A 205 -3.62 -3.41 3.47
C TYR A 205 -4.41 -2.13 3.64
N VAL A 206 -3.73 -1.00 3.44
CA VAL A 206 -4.46 0.24 3.63
C VAL A 206 -4.29 1.13 2.41
N LYS A 207 -5.36 1.79 2.02
CA LYS A 207 -5.29 2.71 0.95
C LYS A 207 -5.73 4.04 1.57
N PHE A 208 -4.84 5.04 1.61
CA PHE A 208 -5.23 6.38 2.06
C PHE A 208 -5.91 7.11 0.93
N VAL A 209 -6.96 7.84 1.30
CA VAL A 209 -7.85 8.50 0.34
C VAL A 209 -7.96 9.96 0.72
N PRO A 210 -7.24 10.87 0.01
CA PRO A 210 -7.33 12.30 0.31
C PRO A 210 -8.77 12.77 0.25
N ILE A 211 -9.26 13.44 1.28
CA ILE A 211 -10.58 14.10 1.36
C ILE A 211 -10.33 15.59 1.69
N ASP A 212 -11.35 16.46 1.52
CA ASP A 212 -11.26 17.89 2.02
C ASP A 212 -11.81 18.07 3.46
N GLU A 213 -11.59 19.22 4.07
CA GLU A 213 -12.08 19.53 5.44
C GLU A 213 -13.54 19.20 5.72
N LYS A 214 -14.26 19.23 4.64
CA LYS A 214 -15.63 19.14 4.62
C LYS A 214 -16.04 17.73 4.31
N GLU A 215 -15.32 16.85 3.56
CA GLU A 215 -15.79 15.58 4.16
C GLU A 215 -14.65 14.87 4.96
N PHE A 216 -14.15 15.71 5.88
CA PHE A 216 -13.68 15.37 7.21
C PHE A 216 -14.66 15.46 8.39
N TRP A 217 -15.33 16.59 8.51
CA TRP A 217 -16.37 16.79 9.54
C TRP A 217 -17.76 16.33 9.06
#